data_7L0Z
#
_entry.id   7L0Z
#
_cell.length_a   150.564
_cell.length_b   48.692
_cell.length_c   30.612
_cell.angle_alpha   90.000
_cell.angle_beta   91.364
_cell.angle_gamma   90.000
#
_symmetry.space_group_name_H-M   'C 1 2 1'
#
loop_
_entity.id
_entity.type
_entity.pdbx_description
1 polymer 'RNA (69-MER)'
2 non-polymer (5Z)-5-(3,5-difluoro-4-hydroxybenzylidene)-2-methyl-3-(2,2,2-trifluoroethyl)-3,5-dihydro-4H-imidazol-4-one
3 non-polymer SPERMINE
4 non-polymer 'MAGNESIUM ION'
5 non-polymer 'PHOSPHATE ION'
6 non-polymer 'SODIUM ION'
7 non-polymer 'POTASSIUM ION'
8 water water
#
_entity_poly.entity_id   1
_entity_poly.type   'polyribonucleotide'
_entity_poly.pdbx_seq_one_letter_code
;GGGAGUACGGUGAGGGUCGGGUCCAGUAGGUACGCCUACUGUUGAGUAGAGUGUGGGCUCCGUACUCCC
;
_entity_poly.pdbx_strand_id   G
#